data_2OD9
#
_entry.id   2OD9
#
_cell.length_a   105.940
_cell.length_b   105.940
_cell.length_c   67.100
_cell.angle_alpha   90.000
_cell.angle_beta   90.000
_cell.angle_gamma   120.000
#
_symmetry.space_group_name_H-M   'P 32 2 1'
#
loop_
_entity.id
_entity.type
_entity.pdbx_description
1 polymer 'NAD-dependent deacetylase HST2'
2 polymer 'H4 peptide'
3 non-polymer 'ZINC ION'
4 non-polymer "5'-O-[(S)-{[(S)-{[(2R,3R,4S)-3,4-DIHYDROXYPYRROLIDIN-2-YL]METHOXY}(HYDROXY)PHOSPHORYL]OXY}(HYDROXY)PHOSPHORYL]ADENOSINE"
5 non-polymer NICOTINAMIDE
6 water water
#
loop_
_entity_poly.entity_id
_entity_poly.type
_entity_poly.pdbx_seq_one_letter_code
_entity_poly.pdbx_strand_id
1 'polypeptide(L)'
;MRGSHHHHHHGMASMSVSTASTEMSVRKIAAHMKSNPNAKVIFMVGAGISTSCGIPDFRSPGTGLYHNLARLKLPYPEAV
FDVDFFQSDPLPFYTLAKELYPGNFRPSKFHYLLKLFQDKDVLKRVYTQNIDTLERQAGVKDDLIIEAHGSFAHCHCIGC
GKVYPPQVFKSKLAEHPIKDFVKCDVCGELVKPAIVFFGEDLPDSFSETWLNDSEWLREKITTSGKHPQQPLVIVVGTSL
AVYPFASLPEEIPRKVKRVLCNLETVGDFKANKRPTDLIVHQYSDEFAEQLVEELGWQEDFEKILTAQ
;
A
2 'polypeptide(L)' KGGA(ALY)RHRKILTAQ B
#
loop_
_chem_comp.id
_chem_comp.type
_chem_comp.name
_chem_comp.formula
A1R non-polymer 5'-O-[(S)-{[(S)-{[(2R,3R,4S)-3,4-DIHYDROXYPYRROLIDIN-2-YL]METHOXY}(HYDROXY)PHOSPHORYL]OXY}(HYDROXY)PHOSPHORYL]ADENOSINE 'C15 H24 N6 O12 P2'
NCA non-polymer NICOTINAMIDE 'C6 H6 N2 O'
ZN non-polymer 'ZINC ION' 'Zn 2'
#
# COMPACT_ATOMS: atom_id res chain seq x y z
N MET A 12 -9.84 16.38 -1.32
CA MET A 12 -10.23 15.44 -2.42
C MET A 12 -9.95 16.04 -3.81
N ALA A 13 -9.95 17.38 -3.88
CA ALA A 13 -9.69 18.07 -5.14
C ALA A 13 -8.25 17.93 -5.60
N SER A 14 -8.05 17.68 -6.89
CA SER A 14 -6.70 17.55 -7.40
C SER A 14 -6.45 18.36 -8.64
N MET A 15 -5.20 18.41 -9.04
CA MET A 15 -4.79 19.12 -10.24
C MET A 15 -3.65 18.32 -10.83
N SER A 16 -3.32 18.61 -12.07
CA SER A 16 -2.26 17.91 -12.76
C SER A 16 -0.91 18.34 -12.22
N VAL A 17 0.07 17.46 -12.32
CA VAL A 17 1.41 17.74 -11.83
C VAL A 17 2.18 18.78 -12.66
N SER A 18 1.91 18.84 -13.96
CA SER A 18 2.59 19.82 -14.82
C SER A 18 1.62 20.32 -15.89
N THR A 19 2.09 21.17 -16.78
CA THR A 19 1.21 21.70 -17.81
C THR A 19 0.88 20.61 -18.84
N ALA A 20 1.73 19.60 -18.94
CA ALA A 20 1.50 18.51 -19.88
C ALA A 20 0.24 17.74 -19.47
N SER A 21 -0.52 17.27 -20.45
CA SER A 21 -1.74 16.52 -20.18
C SER A 21 -1.42 15.02 -20.21
N THR A 22 -2.07 14.26 -19.34
CA THR A 22 -1.86 12.81 -19.28
C THR A 22 -3.13 12.09 -19.69
N GLU A 23 -4.15 12.85 -20.10
CA GLU A 23 -5.42 12.28 -20.49
C GLU A 23 -5.32 11.29 -21.65
N MET A 24 -4.44 11.57 -22.60
CA MET A 24 -4.29 10.69 -23.75
C MET A 24 -3.69 9.36 -23.31
N SER A 25 -2.68 9.42 -22.44
CA SER A 25 -2.05 8.20 -21.95
C SER A 25 -3.08 7.42 -21.13
N VAL A 26 -3.81 8.12 -20.28
CA VAL A 26 -4.82 7.47 -19.44
C VAL A 26 -5.90 6.87 -20.33
N ARG A 27 -6.14 7.49 -21.48
CA ARG A 27 -7.14 7.00 -22.41
C ARG A 27 -6.75 5.62 -22.94
N LYS A 28 -5.46 5.40 -23.16
CA LYS A 28 -4.98 4.11 -23.65
C LYS A 28 -5.41 3.00 -22.69
N ILE A 29 -5.28 3.26 -21.40
CA ILE A 29 -5.66 2.28 -20.37
C ILE A 29 -7.15 1.95 -20.49
N ALA A 30 -7.98 2.98 -20.58
CA ALA A 30 -9.42 2.80 -20.71
C ALA A 30 -9.75 2.04 -21.99
N ALA A 31 -8.94 2.24 -23.02
CA ALA A 31 -9.15 1.58 -24.30
C ALA A 31 -8.85 0.10 -24.17
N HIS A 32 -7.78 -0.22 -23.44
CA HIS A 32 -7.40 -1.61 -23.23
C HIS A 32 -8.52 -2.32 -22.48
N MET A 33 -9.07 -1.66 -21.47
CA MET A 33 -10.15 -2.25 -20.68
C MET A 33 -11.44 -2.35 -21.48
N LYS A 34 -11.59 -1.48 -22.48
CA LYS A 34 -12.80 -1.51 -23.31
C LYS A 34 -12.77 -2.69 -24.27
N SER A 35 -11.58 -2.99 -24.77
CA SER A 35 -11.38 -4.09 -25.70
C SER A 35 -11.38 -5.44 -25.00
N ASN A 36 -11.14 -5.42 -23.69
CA ASN A 36 -11.11 -6.63 -22.88
C ASN A 36 -12.07 -6.47 -21.71
N PRO A 37 -13.38 -6.38 -22.00
CA PRO A 37 -14.46 -6.22 -21.02
C PRO A 37 -14.59 -7.24 -19.89
N ASN A 38 -14.04 -8.43 -20.07
CA ASN A 38 -14.13 -9.46 -19.04
C ASN A 38 -12.80 -9.68 -18.33
N ALA A 39 -11.87 -8.76 -18.53
CA ALA A 39 -10.56 -8.85 -17.89
C ALA A 39 -10.58 -8.14 -16.55
N LYS A 40 -9.58 -8.43 -15.72
CA LYS A 40 -9.49 -7.80 -14.40
C LYS A 40 -8.13 -7.14 -14.31
N VAL A 41 -7.97 -6.28 -13.31
CA VAL A 41 -6.73 -5.54 -13.10
C VAL A 41 -6.11 -5.87 -11.74
N ILE A 42 -4.78 -5.89 -11.71
CA ILE A 42 -4.06 -6.12 -10.46
C ILE A 42 -3.30 -4.82 -10.14
N PHE A 43 -3.53 -4.26 -8.95
CA PHE A 43 -2.81 -3.04 -8.58
C PHE A 43 -1.70 -3.38 -7.59
N MET A 44 -0.63 -2.59 -7.64
CA MET A 44 0.49 -2.73 -6.71
C MET A 44 0.71 -1.29 -6.30
N VAL A 45 0.47 -0.99 -5.03
CA VAL A 45 0.56 0.39 -4.55
C VAL A 45 1.45 0.65 -3.35
N GLY A 46 1.86 1.92 -3.21
CA GLY A 46 2.71 2.36 -2.12
C GLY A 46 2.24 3.66 -1.46
N ALA A 47 3.12 4.26 -0.66
CA ALA A 47 2.80 5.47 0.09
C ALA A 47 2.22 6.63 -0.72
N GLY A 48 2.57 6.69 -2.00
CA GLY A 48 2.06 7.77 -2.83
C GLY A 48 0.55 7.92 -2.90
N ILE A 49 -0.19 6.81 -2.80
CA ILE A 49 -1.66 6.88 -2.88
C ILE A 49 -2.36 7.39 -1.63
N SER A 50 -1.62 7.54 -0.54
CA SER A 50 -2.20 8.04 0.71
C SER A 50 -1.65 9.41 1.12
N THR A 51 -0.79 10.00 0.29
CA THR A 51 -0.24 11.31 0.64
C THR A 51 -1.32 12.36 0.77
N SER A 52 -2.28 12.34 -0.16
CA SER A 52 -3.37 13.32 -0.12
C SER A 52 -4.29 13.13 1.08
N CYS A 53 -4.11 12.04 1.81
CA CYS A 53 -4.97 11.81 2.98
C CYS A 53 -4.43 12.57 4.19
N GLY A 54 -3.26 13.17 4.03
CA GLY A 54 -2.70 13.92 5.13
C GLY A 54 -1.89 13.07 6.08
N ILE A 55 -1.55 11.85 5.68
CA ILE A 55 -0.75 11.00 6.54
C ILE A 55 0.68 11.56 6.56
N PRO A 56 1.19 11.88 7.76
CA PRO A 56 2.55 12.43 7.88
C PRO A 56 3.66 11.40 7.62
N ASP A 57 4.63 11.83 6.81
CA ASP A 57 5.79 11.01 6.46
C ASP A 57 6.78 11.10 7.64
N PHE A 58 7.00 9.97 8.33
CA PHE A 58 7.91 9.92 9.48
C PHE A 58 9.37 10.27 9.12
N ARG A 59 9.70 10.22 7.83
CA ARG A 59 11.07 10.52 7.38
C ARG A 59 11.21 11.99 6.99
N SER A 60 10.11 12.74 7.03
CA SER A 60 10.16 14.14 6.65
C SER A 60 10.23 15.17 7.77
N PRO A 61 11.31 16.00 7.81
CA PRO A 61 11.37 17.00 8.87
C PRO A 61 10.16 17.89 8.61
N GLY A 62 9.83 18.80 9.51
CA GLY A 62 8.65 19.59 9.19
C GLY A 62 7.35 18.82 9.40
N THR A 63 7.47 17.58 9.86
CA THR A 63 6.31 16.78 10.19
C THR A 63 6.41 16.75 11.74
N GLY A 64 5.29 16.86 12.46
CA GLY A 64 5.35 16.82 13.91
C GLY A 64 5.86 15.48 14.40
N LEU A 65 5.51 14.42 13.66
CA LEU A 65 5.93 13.06 13.99
C LEU A 65 7.46 12.93 13.97
N TYR A 66 8.09 13.43 12.90
CA TYR A 66 9.54 13.36 12.76
C TYR A 66 10.23 13.98 13.96
N HIS A 67 9.82 15.18 14.35
CA HIS A 67 10.45 15.85 15.47
C HIS A 67 10.19 15.20 16.83
N ASN A 68 9.06 14.54 16.98
CA ASN A 68 8.80 13.86 18.24
C ASN A 68 9.72 12.65 18.34
N LEU A 69 9.88 11.94 17.22
CA LEU A 69 10.76 10.77 17.18
C LEU A 69 12.22 11.21 17.41
N ALA A 70 12.60 12.36 16.86
CA ALA A 70 13.96 12.86 17.04
C ALA A 70 14.17 13.22 18.51
N ARG A 71 13.18 13.91 19.10
CA ARG A 71 13.26 14.29 20.50
C ARG A 71 13.42 13.03 21.37
N LEU A 72 12.82 11.93 20.95
CA LEU A 72 12.88 10.69 21.70
C LEU A 72 14.17 9.91 21.48
N LYS A 73 15.10 10.50 20.75
CA LYS A 73 16.40 9.87 20.48
C LYS A 73 16.40 8.78 19.43
N LEU A 74 15.38 8.69 18.60
CA LEU A 74 15.40 7.68 17.55
C LEU A 74 16.64 8.08 16.74
N PRO A 75 17.54 7.12 16.43
CA PRO A 75 18.76 7.40 15.67
C PRO A 75 18.57 7.80 14.20
N TYR A 76 17.53 7.27 13.58
CA TYR A 76 17.19 7.55 12.18
C TYR A 76 15.78 7.01 11.98
N PRO A 77 14.99 7.65 11.11
CA PRO A 77 13.60 7.26 10.85
C PRO A 77 13.26 5.77 10.83
N GLU A 78 13.93 5.00 9.99
CA GLU A 78 13.59 3.59 9.90
C GLU A 78 13.89 2.70 11.08
N ALA A 79 14.52 3.24 12.11
CA ALA A 79 14.81 2.46 13.31
C ALA A 79 13.49 2.23 14.04
N VAL A 80 12.46 2.98 13.65
CA VAL A 80 11.15 2.86 14.30
C VAL A 80 10.51 1.52 13.89
N PHE A 81 10.99 0.99 12.76
CA PHE A 81 10.51 -0.29 12.24
C PHE A 81 11.62 -1.32 12.30
N ASP A 82 12.45 -1.27 13.33
CA ASP A 82 13.55 -2.22 13.49
C ASP A 82 13.31 -3.06 14.77
N VAL A 83 13.32 -4.37 14.61
CA VAL A 83 13.07 -5.25 15.75
C VAL A 83 14.00 -5.02 16.94
N ASP A 84 15.31 -5.03 16.68
CA ASP A 84 16.30 -4.82 17.73
C ASP A 84 16.05 -3.51 18.47
N PHE A 85 15.81 -2.43 17.73
CA PHE A 85 15.59 -1.15 18.38
C PHE A 85 14.31 -1.19 19.24
N PHE A 86 13.21 -1.64 18.65
CA PHE A 86 11.94 -1.72 19.38
C PHE A 86 12.12 -2.42 20.75
N GLN A 87 12.77 -3.58 20.75
CA GLN A 87 12.93 -4.30 22.01
C GLN A 87 13.77 -3.53 23.02
N SER A 88 14.69 -2.70 22.54
CA SER A 88 15.52 -1.92 23.46
C SER A 88 14.80 -0.65 23.92
N ASP A 89 13.87 -0.16 23.10
CA ASP A 89 13.11 1.06 23.44
C ASP A 89 11.86 1.13 22.54
N PRO A 90 10.71 0.69 23.06
CA PRO A 90 9.48 0.71 22.26
C PRO A 90 8.72 2.02 22.15
N LEU A 91 9.10 3.02 22.94
CA LEU A 91 8.40 4.30 22.94
C LEU A 91 8.26 5.00 21.58
N PRO A 92 9.34 5.07 20.80
CA PRO A 92 9.23 5.72 19.48
C PRO A 92 8.15 5.04 18.61
N PHE A 93 8.14 3.71 18.59
CA PHE A 93 7.13 2.99 17.79
C PHE A 93 5.74 3.30 18.33
N TYR A 94 5.58 3.26 19.65
CA TYR A 94 4.29 3.55 20.25
C TYR A 94 3.83 4.96 19.89
N THR A 95 4.78 5.89 19.86
CA THR A 95 4.50 7.28 19.51
C THR A 95 4.04 7.39 18.04
N LEU A 96 4.69 6.65 17.15
CA LEU A 96 4.31 6.65 15.76
C LEU A 96 2.94 6.00 15.61
N ALA A 97 2.69 4.93 16.35
CA ALA A 97 1.41 4.23 16.26
C ALA A 97 0.26 5.14 16.67
N LYS A 98 0.49 5.95 17.71
CA LYS A 98 -0.56 6.82 18.19
C LYS A 98 -0.99 7.77 17.07
N GLU A 99 -0.01 8.28 16.34
CA GLU A 99 -0.32 9.22 15.26
C GLU A 99 -0.82 8.54 13.98
N LEU A 100 -0.34 7.34 13.69
CA LEU A 100 -0.74 6.66 12.47
C LEU A 100 -1.82 5.59 12.59
N TYR A 101 -2.35 5.38 13.78
CA TYR A 101 -3.36 4.33 13.96
C TYR A 101 -4.54 4.44 13.01
N PRO A 102 -4.96 3.32 12.40
CA PRO A 102 -6.09 3.31 11.46
C PRO A 102 -7.32 3.94 12.13
N GLY A 103 -8.04 4.76 11.37
CA GLY A 103 -9.20 5.43 11.92
C GLY A 103 -8.92 6.92 12.08
N ASN A 104 -7.65 7.30 12.00
CA ASN A 104 -7.28 8.70 12.12
C ASN A 104 -7.36 9.45 10.81
N PHE A 105 -7.51 8.73 9.70
CA PHE A 105 -7.58 9.35 8.38
C PHE A 105 -8.74 8.80 7.54
N ARG A 106 -8.95 9.40 6.37
CA ARG A 106 -10.02 8.98 5.48
C ARG A 106 -9.41 8.62 4.13
N PRO A 107 -10.02 7.65 3.43
CA PRO A 107 -9.49 7.24 2.11
C PRO A 107 -9.49 8.35 1.06
N SER A 108 -8.54 8.26 0.14
CA SER A 108 -8.41 9.22 -0.94
C SER A 108 -9.32 8.83 -2.12
N LYS A 109 -9.35 9.70 -3.11
CA LYS A 109 -10.14 9.46 -4.31
C LYS A 109 -9.60 8.18 -4.98
N PHE A 110 -8.29 7.97 -4.93
CA PHE A 110 -7.71 6.78 -5.53
C PHE A 110 -8.14 5.52 -4.79
N HIS A 111 -8.21 5.59 -3.46
CA HIS A 111 -8.66 4.43 -2.69
C HIS A 111 -10.08 4.07 -3.12
N TYR A 112 -10.93 5.08 -3.33
CA TYR A 112 -12.30 4.80 -3.74
C TYR A 112 -12.36 4.24 -5.16
N LEU A 113 -11.34 4.52 -5.97
CA LEU A 113 -11.29 3.99 -7.33
C LEU A 113 -11.20 2.46 -7.23
N LEU A 114 -10.38 1.99 -6.30
CA LEU A 114 -10.21 0.55 -6.09
C LEU A 114 -11.59 -0.03 -5.81
N LYS A 115 -12.38 0.66 -4.97
CA LYS A 115 -13.73 0.23 -4.62
C LYS A 115 -14.63 0.18 -5.85
N LEU A 116 -14.50 1.17 -6.72
CA LEU A 116 -15.30 1.22 -7.95
C LEU A 116 -15.00 -0.01 -8.80
N PHE A 117 -13.72 -0.29 -8.99
CA PHE A 117 -13.29 -1.44 -9.78
C PHE A 117 -13.86 -2.73 -9.21
N GLN A 118 -13.88 -2.83 -7.89
CA GLN A 118 -14.43 -4.01 -7.23
C GLN A 118 -15.92 -4.09 -7.55
N ASP A 119 -16.60 -2.96 -7.42
CA ASP A 119 -18.02 -2.89 -7.72
C ASP A 119 -18.25 -3.32 -9.16
N LYS A 120 -17.32 -2.98 -10.05
CA LYS A 120 -17.44 -3.32 -11.47
C LYS A 120 -16.86 -4.69 -11.79
N ASP A 121 -16.48 -5.42 -10.74
CA ASP A 121 -15.92 -6.75 -10.89
C ASP A 121 -14.67 -6.81 -11.78
N VAL A 122 -13.92 -5.70 -11.87
CA VAL A 122 -12.71 -5.69 -12.67
C VAL A 122 -11.45 -5.65 -11.79
N LEU A 123 -11.62 -5.94 -10.50
CA LEU A 123 -10.48 -5.94 -9.57
C LEU A 123 -10.07 -7.37 -9.23
N LYS A 124 -8.87 -7.74 -9.65
CA LYS A 124 -8.36 -9.07 -9.36
C LYS A 124 -7.69 -9.08 -7.99
N ARG A 125 -6.87 -8.06 -7.72
CA ARG A 125 -6.16 -8.00 -6.46
C ARG A 125 -5.46 -6.65 -6.29
N VAL A 126 -5.26 -6.24 -5.05
CA VAL A 126 -4.50 -5.03 -4.80
C VAL A 126 -3.43 -5.37 -3.78
N TYR A 127 -2.18 -5.27 -4.21
CA TYR A 127 -1.01 -5.54 -3.37
C TYR A 127 -0.55 -4.19 -2.83
N THR A 128 -0.58 -4.02 -1.52
CA THR A 128 -0.16 -2.74 -0.96
C THR A 128 0.97 -2.84 0.05
N GLN A 129 1.88 -1.86 -0.02
CA GLN A 129 3.02 -1.80 0.90
C GLN A 129 2.64 -0.95 2.11
N ASN A 130 1.49 -0.27 2.02
CA ASN A 130 1.05 0.61 3.10
C ASN A 130 0.47 -0.10 4.30
N ILE A 131 0.61 0.52 5.47
CA ILE A 131 0.07 -0.04 6.70
C ILE A 131 -1.10 0.78 7.20
N ASP A 132 -1.57 1.72 6.40
CA ASP A 132 -2.70 2.56 6.83
C ASP A 132 -4.05 1.84 6.70
N THR A 133 -4.09 0.75 5.94
CA THR A 133 -5.31 -0.03 5.66
C THR A 133 -6.48 0.78 5.10
N LEU A 134 -6.17 1.85 4.38
CA LEU A 134 -7.20 2.70 3.76
C LEU A 134 -7.96 1.98 2.62
N GLU A 135 -7.37 0.94 2.04
CA GLU A 135 -8.04 0.18 0.98
C GLU A 135 -9.23 -0.55 1.62
N ARG A 136 -8.94 -1.22 2.73
CA ARG A 136 -9.96 -1.96 3.47
C ARG A 136 -10.99 -0.99 4.05
N GLN A 137 -10.49 0.12 4.60
CA GLN A 137 -11.39 1.10 5.22
C GLN A 137 -12.34 1.69 4.17
N ALA A 138 -11.88 1.70 2.92
CA ALA A 138 -12.65 2.22 1.82
C ALA A 138 -13.67 1.20 1.28
N GLY A 139 -13.62 -0.04 1.78
CA GLY A 139 -14.57 -1.03 1.33
C GLY A 139 -14.07 -2.12 0.40
N VAL A 140 -12.77 -2.18 0.17
CA VAL A 140 -12.23 -3.25 -0.67
C VAL A 140 -12.31 -4.52 0.17
N LYS A 141 -12.81 -5.59 -0.43
CA LYS A 141 -12.97 -6.85 0.29
C LYS A 141 -11.67 -7.51 0.74
N ASP A 142 -11.73 -8.18 1.88
CA ASP A 142 -10.58 -8.86 2.44
C ASP A 142 -9.89 -9.81 1.46
N ASP A 143 -10.69 -10.53 0.67
CA ASP A 143 -10.20 -11.49 -0.31
C ASP A 143 -9.33 -10.85 -1.41
N LEU A 144 -9.64 -9.60 -1.74
CA LEU A 144 -8.91 -8.89 -2.78
C LEU A 144 -7.69 -8.09 -2.32
N ILE A 145 -7.45 -8.04 -1.02
CA ILE A 145 -6.33 -7.26 -0.50
C ILE A 145 -5.15 -8.06 0.02
N ILE A 146 -3.96 -7.60 -0.31
CA ILE A 146 -2.75 -8.22 0.19
C ILE A 146 -1.93 -7.12 0.83
N GLU A 147 -1.97 -7.05 2.15
CA GLU A 147 -1.24 -6.06 2.92
C GLU A 147 0.13 -6.68 3.16
N ALA A 148 1.01 -6.47 2.18
CA ALA A 148 2.36 -7.04 2.21
C ALA A 148 3.19 -6.73 3.45
N HIS A 149 2.96 -5.57 4.06
CA HIS A 149 3.73 -5.22 5.26
C HIS A 149 2.93 -5.27 6.55
N GLY A 150 1.85 -6.05 6.55
CA GLY A 150 1.05 -6.19 7.75
C GLY A 150 0.16 -4.99 8.05
N SER A 151 -0.36 -4.93 9.27
CA SER A 151 -1.24 -3.84 9.69
C SER A 151 -1.37 -3.91 11.21
N PHE A 152 -2.11 -2.95 11.77
CA PHE A 152 -2.34 -2.91 13.21
C PHE A 152 -3.52 -3.77 13.63
N ALA A 153 -4.18 -4.42 12.67
CA ALA A 153 -5.36 -5.23 12.96
C ALA A 153 -5.12 -6.52 13.74
N HIS A 154 -3.86 -6.92 13.87
CA HIS A 154 -3.51 -8.12 14.63
C HIS A 154 -2.27 -7.83 15.47
N CYS A 155 -2.14 -8.53 16.60
CA CYS A 155 -0.99 -8.36 17.51
C CYS A 155 -0.53 -9.72 18.01
N HIS A 156 0.77 -9.84 18.28
CA HIS A 156 1.32 -11.10 18.76
C HIS A 156 2.59 -10.82 19.54
N CYS A 157 2.91 -11.73 20.44
CA CYS A 157 4.11 -11.62 21.23
C CYS A 157 5.32 -11.89 20.34
N ILE A 158 6.33 -11.02 20.37
CA ILE A 158 7.50 -11.21 19.53
C ILE A 158 8.37 -12.39 19.95
N GLY A 159 8.16 -12.87 21.18
CA GLY A 159 8.95 -13.99 21.66
C GLY A 159 8.33 -15.38 21.50
N CYS A 160 7.07 -15.55 21.89
CA CYS A 160 6.43 -16.85 21.79
C CYS A 160 5.33 -16.93 20.73
N GLY A 161 5.00 -15.77 20.16
CA GLY A 161 3.97 -15.71 19.14
C GLY A 161 2.52 -15.77 19.61
N LYS A 162 2.30 -15.73 20.93
CA LYS A 162 0.92 -15.78 21.43
C LYS A 162 0.13 -14.62 20.82
N VAL A 163 -1.12 -14.90 20.44
CA VAL A 163 -2.00 -13.91 19.83
C VAL A 163 -2.69 -13.01 20.86
N TYR A 164 -2.77 -11.73 20.52
CA TYR A 164 -3.41 -10.73 21.36
C TYR A 164 -4.38 -9.88 20.54
N PRO A 165 -5.52 -9.48 21.13
CA PRO A 165 -6.49 -8.65 20.39
C PRO A 165 -5.82 -7.31 20.15
N PRO A 166 -6.08 -6.68 18.99
CA PRO A 166 -5.46 -5.37 18.71
C PRO A 166 -5.83 -4.27 19.71
N GLN A 167 -6.96 -4.41 20.38
CA GLN A 167 -7.38 -3.39 21.33
C GLN A 167 -6.48 -3.21 22.56
N VAL A 168 -5.76 -4.25 22.96
CA VAL A 168 -4.88 -4.15 24.13
C VAL A 168 -3.79 -3.12 23.83
N PHE A 169 -3.18 -3.24 22.65
CA PHE A 169 -2.15 -2.31 22.22
C PHE A 169 -2.75 -0.90 22.08
N LYS A 170 -3.86 -0.82 21.36
CA LYS A 170 -4.49 0.47 21.15
C LYS A 170 -4.82 1.27 22.42
N SER A 171 -5.28 0.59 23.46
CA SER A 171 -5.63 1.30 24.70
C SER A 171 -4.41 2.01 25.32
N LYS A 172 -3.22 1.44 25.14
CA LYS A 172 -2.01 2.06 25.68
C LYS A 172 -1.67 3.40 25.03
N LEU A 173 -2.10 3.59 23.79
CA LEU A 173 -1.80 4.81 23.06
C LEU A 173 -2.55 6.05 23.55
N ALA A 174 -3.64 5.87 24.28
CA ALA A 174 -4.40 7.00 24.77
C ALA A 174 -3.92 7.53 26.13
N GLU A 175 -2.87 6.93 26.68
CA GLU A 175 -2.36 7.34 27.99
C GLU A 175 -1.33 8.47 27.93
N HIS A 176 -1.37 9.35 28.93
CA HIS A 176 -0.44 10.47 29.02
C HIS A 176 0.32 10.47 30.35
N PRO A 177 1.62 10.15 30.32
CA PRO A 177 2.36 9.81 29.10
C PRO A 177 2.22 8.32 28.76
N ILE A 178 2.72 7.92 27.59
CA ILE A 178 2.66 6.51 27.22
C ILE A 178 3.76 5.78 27.98
N LYS A 179 3.36 4.79 28.78
CA LYS A 179 4.30 4.01 29.57
C LYS A 179 3.76 2.60 29.82
N ASP A 180 4.56 1.75 30.46
CA ASP A 180 4.11 0.40 30.74
C ASP A 180 3.54 -0.20 29.46
N PHE A 181 4.45 -0.65 28.59
CA PHE A 181 4.08 -1.23 27.30
C PHE A 181 3.57 -2.66 27.45
N VAL A 182 2.76 -3.09 26.49
CA VAL A 182 2.18 -4.43 26.55
C VAL A 182 3.21 -5.55 26.55
N LYS A 183 3.15 -6.38 27.59
CA LYS A 183 4.05 -7.52 27.72
C LYS A 183 3.22 -8.81 27.75
N CYS A 184 3.75 -9.86 27.13
CA CYS A 184 3.09 -11.15 27.05
C CYS A 184 2.93 -11.85 28.41
N ASP A 185 1.71 -12.29 28.73
CA ASP A 185 1.46 -12.96 30.00
C ASP A 185 1.92 -14.42 30.04
N VAL A 186 2.65 -14.83 29.00
CA VAL A 186 3.20 -16.17 28.93
C VAL A 186 4.73 -16.13 29.05
N CYS A 187 5.38 -15.37 28.17
CA CYS A 187 6.85 -15.33 28.20
C CYS A 187 7.46 -13.99 28.63
N GLY A 188 6.63 -12.97 28.81
CA GLY A 188 7.13 -11.67 29.25
C GLY A 188 7.75 -10.72 28.21
N GLU A 189 7.81 -11.13 26.94
CA GLU A 189 8.40 -10.28 25.90
C GLU A 189 7.40 -9.24 25.40
N LEU A 190 7.86 -8.28 24.62
CA LEU A 190 6.97 -7.24 24.11
C LEU A 190 5.99 -7.79 23.07
N VAL A 191 4.77 -7.28 23.12
CA VAL A 191 3.74 -7.65 22.17
C VAL A 191 3.68 -6.48 21.18
N LYS A 192 3.62 -6.78 19.89
CA LYS A 192 3.53 -5.70 18.91
C LYS A 192 2.54 -6.00 17.78
N PRO A 193 2.05 -4.95 17.11
CA PRO A 193 1.10 -5.05 16.00
C PRO A 193 1.75 -5.89 14.91
N ALA A 194 0.94 -6.56 14.10
CA ALA A 194 1.45 -7.40 13.02
C ALA A 194 1.98 -6.62 11.82
N ILE A 195 2.83 -5.63 12.11
CA ILE A 195 3.47 -4.83 11.07
C ILE A 195 4.83 -5.48 10.78
N VAL A 196 5.14 -5.67 9.50
CA VAL A 196 6.42 -6.26 9.10
C VAL A 196 7.52 -5.22 9.31
N PHE A 197 8.48 -5.53 10.17
CA PHE A 197 9.60 -4.60 10.42
C PHE A 197 10.74 -4.95 9.46
N PHE A 198 11.66 -4.02 9.26
CA PHE A 198 12.81 -4.29 8.40
C PHE A 198 13.56 -5.45 9.04
N GLY A 199 13.89 -6.43 8.22
CA GLY A 199 14.61 -7.59 8.71
C GLY A 199 13.69 -8.79 8.93
N GLU A 200 12.38 -8.60 8.83
CA GLU A 200 11.44 -9.70 9.01
C GLU A 200 10.86 -10.18 7.69
N ASP A 201 10.40 -11.43 7.67
CA ASP A 201 9.78 -11.98 6.47
C ASP A 201 8.35 -11.46 6.38
N LEU A 202 7.82 -11.36 5.17
CA LEU A 202 6.45 -10.90 4.97
C LEU A 202 5.52 -12.07 5.29
N PRO A 203 4.20 -11.82 5.41
CA PRO A 203 3.31 -12.94 5.72
C PRO A 203 3.20 -13.93 4.55
N ASP A 204 3.04 -15.21 4.87
CA ASP A 204 2.92 -16.26 3.86
C ASP A 204 1.95 -15.92 2.73
N SER A 205 0.84 -15.27 3.07
CA SER A 205 -0.15 -14.93 2.08
C SER A 205 0.42 -14.08 0.93
N PHE A 206 1.48 -13.33 1.18
CA PHE A 206 2.09 -12.51 0.13
C PHE A 206 2.60 -13.39 -1.02
N SER A 207 3.62 -14.19 -0.75
CA SER A 207 4.18 -15.08 -1.77
C SER A 207 3.15 -16.07 -2.31
N GLU A 208 2.32 -16.62 -1.44
CA GLU A 208 1.31 -17.58 -1.85
C GLU A 208 0.35 -17.01 -2.89
N THR A 209 -0.22 -15.84 -2.61
CA THR A 209 -1.16 -15.19 -3.52
C THR A 209 -0.49 -14.73 -4.81
N TRP A 210 0.76 -14.27 -4.73
CA TRP A 210 1.45 -13.82 -5.92
C TRP A 210 1.76 -15.06 -6.77
N LEU A 211 2.03 -16.18 -6.10
CA LEU A 211 2.28 -17.41 -6.82
C LEU A 211 1.03 -17.72 -7.65
N ASN A 212 -0.13 -17.65 -7.01
CA ASN A 212 -1.40 -17.92 -7.70
C ASN A 212 -1.78 -16.87 -8.73
N ASP A 213 -1.46 -15.60 -8.47
CA ASP A 213 -1.79 -14.54 -9.42
C ASP A 213 -0.82 -14.54 -10.59
N SER A 214 0.40 -15.03 -10.36
CA SER A 214 1.39 -15.12 -11.43
C SER A 214 0.93 -16.16 -12.47
N GLU A 215 0.38 -17.27 -11.99
CA GLU A 215 -0.11 -18.30 -12.90
C GLU A 215 -1.36 -17.78 -13.61
N TRP A 216 -2.20 -17.08 -12.86
CA TRP A 216 -3.42 -16.51 -13.42
C TRP A 216 -3.09 -15.55 -14.57
N LEU A 217 -2.02 -14.79 -14.39
CA LEU A 217 -1.59 -13.82 -15.39
C LEU A 217 -1.10 -14.53 -16.65
N ARG A 218 -0.18 -15.47 -16.48
CA ARG A 218 0.38 -16.22 -17.60
C ARG A 218 -0.69 -16.98 -18.38
N GLU A 219 -1.70 -17.47 -17.69
CA GLU A 219 -2.75 -18.24 -18.37
C GLU A 219 -3.76 -17.40 -19.11
N LYS A 220 -3.90 -16.12 -18.75
CA LYS A 220 -4.84 -15.24 -19.44
C LYS A 220 -4.26 -14.80 -20.78
N ILE A 221 -2.93 -14.85 -20.87
CA ILE A 221 -2.23 -14.45 -22.09
C ILE A 221 -2.63 -15.38 -23.24
N THR A 222 -3.15 -16.54 -22.88
CA THR A 222 -3.57 -17.52 -23.87
C THR A 222 -5.04 -17.93 -23.65
N THR A 223 -5.96 -17.10 -24.15
CA THR A 223 -7.38 -17.37 -24.01
C THR A 223 -7.87 -18.27 -25.14
N GLN A 229 -10.54 -11.35 -20.77
CA GLN A 229 -9.48 -11.27 -21.76
C GLN A 229 -8.13 -10.87 -21.15
N GLN A 230 -7.34 -10.13 -21.93
CA GLN A 230 -6.02 -9.69 -21.49
C GLN A 230 -6.04 -8.90 -20.18
N PRO A 231 -5.22 -9.30 -19.21
CA PRO A 231 -5.18 -8.60 -17.92
C PRO A 231 -4.36 -7.32 -17.99
N LEU A 232 -4.26 -6.65 -16.85
CA LEU A 232 -3.51 -5.41 -16.76
C LEU A 232 -2.98 -5.25 -15.35
N VAL A 233 -1.71 -4.89 -15.23
CA VAL A 233 -1.12 -4.67 -13.92
C VAL A 233 -0.74 -3.20 -13.85
N ILE A 234 -1.30 -2.49 -12.87
CA ILE A 234 -1.05 -1.07 -12.71
C ILE A 234 -0.32 -0.77 -11.40
N VAL A 235 0.85 -0.17 -11.51
CA VAL A 235 1.68 0.17 -10.35
C VAL A 235 1.54 1.65 -10.04
N VAL A 236 1.11 1.97 -8.81
CA VAL A 236 0.87 3.36 -8.40
C VAL A 236 1.47 3.84 -7.08
N GLY A 237 2.10 5.00 -7.12
CA GLY A 237 2.66 5.61 -5.93
C GLY A 237 3.63 4.82 -5.09
N THR A 238 4.62 4.20 -5.73
CA THR A 238 5.62 3.44 -4.98
C THR A 238 6.99 3.72 -5.59
N SER A 239 8.00 3.81 -4.74
CA SER A 239 9.35 4.07 -5.24
C SER A 239 10.04 2.74 -5.58
N LEU A 240 9.33 1.64 -5.37
CA LEU A 240 9.88 0.32 -5.65
C LEU A 240 11.30 0.23 -5.09
N ALA A 241 11.46 0.62 -3.84
CA ALA A 241 12.76 0.61 -3.17
C ALA A 241 12.84 -0.36 -1.99
N VAL A 242 11.73 -1.03 -1.70
CA VAL A 242 11.71 -1.97 -0.60
C VAL A 242 11.40 -3.38 -1.10
N TYR A 243 12.29 -4.31 -0.79
CA TYR A 243 12.14 -5.70 -1.19
C TYR A 243 11.65 -6.53 -0.01
N PRO A 244 11.04 -7.68 -0.29
CA PRO A 244 10.79 -8.24 -1.63
C PRO A 244 9.63 -7.69 -2.45
N PHE A 245 8.84 -6.78 -1.86
CA PHE A 245 7.71 -6.22 -2.59
C PHE A 245 8.10 -5.66 -3.95
N ALA A 246 9.25 -4.99 -4.01
CA ALA A 246 9.73 -4.36 -5.24
C ALA A 246 10.08 -5.36 -6.37
N SER A 247 10.07 -6.65 -6.07
CA SER A 247 10.39 -7.66 -7.09
C SER A 247 9.18 -8.00 -7.96
N LEU A 248 7.99 -7.69 -7.48
CA LEU A 248 6.79 -8.00 -8.25
C LEU A 248 6.75 -7.50 -9.69
N PRO A 249 7.02 -6.20 -9.91
CA PRO A 249 6.98 -5.65 -11.27
C PRO A 249 7.82 -6.41 -12.32
N GLU A 250 9.06 -6.75 -11.97
CA GLU A 250 9.93 -7.46 -12.90
C GLU A 250 9.40 -8.88 -13.16
N GLU A 251 8.62 -9.41 -12.22
CA GLU A 251 8.05 -10.74 -12.33
C GLU A 251 6.74 -10.78 -13.08
N ILE A 252 6.26 -9.63 -13.54
CA ILE A 252 5.03 -9.62 -14.31
C ILE A 252 5.38 -10.23 -15.68
N PRO A 253 4.47 -11.04 -16.26
CA PRO A 253 4.76 -11.64 -17.57
C PRO A 253 5.07 -10.61 -18.65
N ARG A 254 6.11 -10.89 -19.42
CA ARG A 254 6.55 -10.03 -20.51
C ARG A 254 5.38 -9.63 -21.41
N LYS A 255 4.46 -10.57 -21.63
CA LYS A 255 3.29 -10.33 -22.47
C LYS A 255 2.09 -9.70 -21.79
N VAL A 256 2.25 -9.28 -20.53
CA VAL A 256 1.15 -8.62 -19.81
C VAL A 256 1.53 -7.15 -19.72
N LYS A 257 0.65 -6.28 -20.19
CA LYS A 257 0.90 -4.84 -20.17
C LYS A 257 1.09 -4.27 -18.76
N ARG A 258 2.21 -3.58 -18.57
CA ARG A 258 2.53 -2.95 -17.29
C ARG A 258 2.29 -1.45 -17.38
N VAL A 259 1.60 -0.90 -16.39
CA VAL A 259 1.33 0.53 -16.32
C VAL A 259 1.94 1.08 -15.03
N LEU A 260 2.55 2.26 -15.12
CA LEU A 260 3.13 2.88 -13.95
C LEU A 260 2.66 4.31 -13.81
N CYS A 261 1.93 4.58 -12.73
CA CYS A 261 1.47 5.93 -12.45
C CYS A 261 2.27 6.38 -11.23
N ASN A 262 3.28 7.21 -11.47
CA ASN A 262 4.17 7.70 -10.42
C ASN A 262 4.77 9.03 -10.89
N LEU A 263 5.07 9.92 -9.95
CA LEU A 263 5.65 11.21 -10.31
C LEU A 263 6.97 11.03 -11.05
N GLU A 264 7.67 9.93 -10.77
CA GLU A 264 8.94 9.63 -11.43
C GLU A 264 9.02 8.16 -11.84
N THR A 265 9.76 7.90 -12.92
CA THR A 265 9.96 6.53 -13.39
C THR A 265 10.92 5.84 -12.43
N VAL A 266 10.51 4.69 -11.91
CA VAL A 266 11.36 3.99 -10.96
C VAL A 266 11.40 2.48 -11.16
N GLY A 267 12.27 1.83 -10.39
CA GLY A 267 12.39 0.39 -10.44
C GLY A 267 12.59 -0.23 -11.80
N ASP A 268 11.94 -1.37 -12.02
CA ASP A 268 12.07 -2.09 -13.27
C ASP A 268 11.65 -1.28 -14.48
N PHE A 269 10.77 -0.30 -14.28
CA PHE A 269 10.33 0.53 -15.39
C PHE A 269 11.45 1.44 -15.84
N LYS A 270 12.43 1.63 -14.96
CA LYS A 270 13.58 2.49 -15.27
C LYS A 270 14.76 1.61 -15.65
N ALA A 271 14.96 0.54 -14.88
CA ALA A 271 16.07 -0.38 -15.11
C ALA A 271 15.91 -1.25 -16.37
N ASN A 272 14.69 -1.69 -16.64
CA ASN A 272 14.43 -2.56 -17.79
C ASN A 272 13.10 -2.26 -18.47
N LYS A 273 12.98 -1.06 -19.04
CA LYS A 273 11.75 -0.67 -19.70
C LYS A 273 11.33 -1.71 -20.74
N ARG A 274 10.03 -1.82 -20.98
CA ARG A 274 9.49 -2.76 -21.95
C ARG A 274 8.68 -2.00 -22.98
N PRO A 275 8.81 -2.36 -24.27
CA PRO A 275 8.08 -1.71 -25.36
C PRO A 275 6.63 -1.38 -25.04
N THR A 276 5.95 -2.31 -24.38
CA THR A 276 4.53 -2.10 -24.06
C THR A 276 4.29 -1.37 -22.74
N ASP A 277 5.34 -1.01 -22.03
CA ASP A 277 5.19 -0.28 -20.79
C ASP A 277 4.53 1.07 -20.98
N LEU A 278 3.53 1.38 -20.17
CA LEU A 278 2.85 2.66 -20.25
C LEU A 278 3.17 3.47 -18.99
N ILE A 279 3.95 4.54 -19.15
CA ILE A 279 4.34 5.37 -18.02
C ILE A 279 3.55 6.66 -17.96
N VAL A 280 2.92 6.90 -16.82
CA VAL A 280 2.11 8.09 -16.60
C VAL A 280 2.60 8.90 -15.39
N HIS A 281 3.18 10.06 -15.63
CA HIS A 281 3.66 10.91 -14.54
C HIS A 281 2.48 11.75 -14.08
N GLN A 282 1.84 11.31 -13.00
CA GLN A 282 0.66 12.02 -12.51
C GLN A 282 0.37 11.66 -11.05
N TYR A 283 -0.32 12.55 -10.34
CA TYR A 283 -0.71 12.32 -8.96
C TYR A 283 -1.75 11.20 -9.01
N SER A 284 -1.66 10.27 -8.07
CA SER A 284 -2.61 9.16 -8.03
C SER A 284 -4.07 9.62 -8.03
N ASP A 285 -4.40 10.72 -7.34
CA ASP A 285 -5.79 11.20 -7.32
C ASP A 285 -6.24 11.81 -8.66
N GLU A 286 -5.33 12.50 -9.33
CA GLU A 286 -5.66 13.11 -10.62
C GLU A 286 -5.85 11.96 -11.62
N PHE A 287 -4.97 10.96 -11.54
CA PHE A 287 -5.02 9.76 -12.38
C PHE A 287 -6.38 9.08 -12.24
N ALA A 288 -6.85 8.95 -10.99
CA ALA A 288 -8.14 8.34 -10.70
C ALA A 288 -9.26 9.11 -11.39
N GLU A 289 -9.18 10.43 -11.29
CA GLU A 289 -10.16 11.32 -11.88
C GLU A 289 -10.22 11.12 -13.41
N GLN A 290 -9.06 11.09 -14.04
CA GLN A 290 -8.97 10.93 -15.48
C GLN A 290 -9.39 9.55 -15.98
N LEU A 291 -9.07 8.50 -15.23
CA LEU A 291 -9.42 7.16 -15.63
C LEU A 291 -10.92 6.94 -15.56
N VAL A 292 -11.53 7.42 -14.48
CA VAL A 292 -12.97 7.31 -14.29
C VAL A 292 -13.68 8.02 -15.43
N GLU A 293 -13.10 9.13 -15.89
CA GLU A 293 -13.66 9.93 -16.96
C GLU A 293 -13.58 9.16 -18.28
N GLU A 294 -12.40 8.65 -18.60
CA GLU A 294 -12.20 7.91 -19.83
C GLU A 294 -12.99 6.59 -19.85
N LEU A 295 -13.36 6.08 -18.67
CA LEU A 295 -14.13 4.83 -18.59
C LEU A 295 -15.62 5.08 -18.65
N GLY A 296 -16.02 6.32 -18.34
CA GLY A 296 -17.43 6.66 -18.35
C GLY A 296 -18.15 6.26 -17.09
N TRP A 297 -17.42 6.04 -16.00
CA TRP A 297 -18.02 5.64 -14.73
C TRP A 297 -18.20 6.79 -13.74
N GLN A 298 -18.10 8.02 -14.23
CA GLN A 298 -18.22 9.20 -13.38
C GLN A 298 -19.44 9.14 -12.48
N GLU A 299 -20.54 8.60 -12.99
CA GLU A 299 -21.77 8.52 -12.22
C GLU A 299 -21.68 7.62 -10.98
N ASP A 300 -21.19 6.40 -11.16
CA ASP A 300 -21.05 5.46 -10.04
C ASP A 300 -19.99 5.97 -9.07
N PHE A 301 -18.94 6.55 -9.60
CA PHE A 301 -17.85 7.07 -8.79
C PHE A 301 -18.38 8.19 -7.89
N GLU A 302 -19.07 9.15 -8.49
CA GLU A 302 -19.62 10.26 -7.72
C GLU A 302 -20.48 9.73 -6.58
N LYS A 303 -21.27 8.70 -6.88
CA LYS A 303 -22.13 8.09 -5.88
C LYS A 303 -21.32 7.55 -4.70
N ILE A 304 -20.23 6.86 -5.00
CA ILE A 304 -19.37 6.30 -3.97
C ILE A 304 -18.74 7.41 -3.15
N LEU A 305 -18.20 8.41 -3.84
CA LEU A 305 -17.56 9.54 -3.19
C LEU A 305 -18.50 10.33 -2.29
N THR A 306 -19.79 10.37 -2.63
CA THR A 306 -20.76 11.10 -1.83
C THR A 306 -21.41 10.21 -0.79
N ALA A 307 -21.15 8.91 -0.88
CA ALA A 307 -21.72 7.96 0.07
C ALA A 307 -21.02 8.04 1.42
N LYS B 1 9.89 -17.22 -1.25
CA LYS B 1 9.25 -16.15 -0.43
C LYS B 1 9.86 -14.81 -0.82
N GLY B 2 11.19 -14.76 -0.86
CA GLY B 2 11.85 -13.52 -1.26
C GLY B 2 12.80 -12.90 -0.26
N GLY B 3 12.84 -13.43 0.95
CA GLY B 3 13.72 -12.88 1.95
C GLY B 3 13.05 -11.88 2.89
N ALA B 4 13.86 -11.23 3.71
CA ALA B 4 13.33 -10.27 4.68
C ALA B 4 13.17 -8.87 4.12
OH ALY B 5 7.43 -0.49 5.64
CH ALY B 5 7.36 -1.22 6.69
CH3 ALY B 5 6.46 -0.87 7.85
NZ ALY B 5 8.10 -2.44 6.83
CE ALY B 5 8.95 -2.79 5.66
CD ALY B 5 9.24 -4.29 5.68
CG ALY B 5 10.42 -4.72 4.81
CB ALY B 5 10.81 -6.15 5.14
CA ALY B 5 11.90 -6.78 4.25
N ALY B 5 12.17 -8.16 4.64
C ALY B 5 13.20 -5.96 4.25
O ALY B 5 13.88 -5.89 5.27
N ARG B 6 13.54 -5.33 3.13
CA ARG B 6 14.80 -4.60 3.06
C ARG B 6 14.89 -3.67 1.84
N HIS B 7 15.97 -2.90 1.79
CA HIS B 7 16.22 -1.99 0.68
C HIS B 7 17.15 -2.61 -0.37
ZN ZN C . 5.09 -14.54 24.62
N1 A1R D . 0.85 10.25 -6.99
C2 A1R D . 1.79 9.40 -7.62
N3 A1R D . 3.11 9.13 -7.04
C4 A1R D . 3.34 9.81 -5.78
C5 A1R D . 2.49 10.67 -5.07
C6 A1R D . 1.16 10.89 -5.72
N6 A1R D . 0.16 11.73 -5.15
N7 A1R D . 3.08 11.11 -3.90
C8 A1R D . 4.30 10.53 -3.88
N9 A1R D . 4.50 9.72 -5.00
C1' A1R D . 5.62 8.88 -5.43
C2' A1R D . 7.03 9.31 -5.26
O2' A1R D . 7.57 9.85 -6.49
C3' A1R D . 7.76 8.10 -4.79
O3' A1R D . 8.55 7.42 -5.79
O4' A1R D . 5.45 7.69 -4.70
C4' A1R D . 6.70 7.15 -4.25
C5' A1R D . 6.61 7.00 -2.70
O5' A1R D . 7.89 6.46 -2.18
PA A1R D . 8.13 6.17 -0.69
O1A A1R D . 7.86 7.33 0.17
O2A A1R D . 9.52 5.67 -0.57
O3A A1R D . 7.32 4.95 -0.23
PB A1R D . 7.08 3.53 -0.62
O1B A1R D . 7.83 3.18 -1.81
O2B A1R D . 5.78 3.08 -0.96
O5N A1R D . 7.87 2.98 0.58
C5N A1R D . 7.70 2.95 1.91
N4N A1R D . 7.85 3.61 3.93
C1N A1R D . 8.50 2.88 5.05
O2N A1R D . 10.47 3.41 5.08
C2N A1R D . 9.67 2.29 4.61
O3N A1R D . 11.15 2.95 2.61
C3N A1R D . 9.92 2.51 3.20
C4N A1R D . 8.76 3.37 2.75
N1 NCA E . 8.45 1.27 5.02
C2 NCA E . 7.23 1.76 4.97
C3 NCA E . 6.73 2.50 6.05
C4 NCA E . 7.55 2.70 7.17
C5 NCA E . 8.82 2.15 7.16
C6 NCA E . 9.24 1.43 6.06
C7 NCA E . 5.36 3.06 6.00
O7 NCA E . 4.94 3.70 6.94
N7 NCA E . 4.59 2.86 4.92
#